data_6UM3
#
_entry.id   6UM3
#
_cell.length_a   51.742
_cell.length_b   55.898
_cell.length_c   61.675
_cell.angle_alpha   90.000
_cell.angle_beta   112.910
_cell.angle_gamma   90.000
#
_symmetry.space_group_name_H-M   'P 1 21 1'
#
loop_
_entity.id
_entity.type
_entity.pdbx_description
1 polymer 'NS2B-NS3 PROTEASE fusion'
2 non-polymer 1,2-ETHANEDIOL
3 water water
#
_entity_poly.entity_id   1
_entity_poly.type   'polypeptide(L)'
_entity_poly.pdbx_seq_one_letter_code
;GSSVDMYIERAGDITWEKDAEVTGNSPRLDVALDESGDFSLVEDDGPPMAGGGGSGGGGSGALWDVPAPKEVKKGETTDG
VYRVMTRRLLGSTQVGVGVMQEGVFHTMWHVTKGSALRSGEGRLDPYWGDVKQDLVSYSGPWKLDACWDGHSEVQLLAVP
PGERARNIQTLPGIFKTKDGDIGAVALDYPAGTSGSPILDKSGRVIGLYGNGVVICNGSYVSAITQGRREEETPVESFEP
S
;
_entity_poly.pdbx_strand_id   A,B
#
# COMPACT_ATOMS: atom_id res chain seq x y z
N VAL A 4 -14.67 1.14 10.96
CA VAL A 4 -13.28 0.61 10.84
C VAL A 4 -13.24 -0.53 9.81
N ASP A 5 -12.52 -0.32 8.70
CA ASP A 5 -12.42 -1.30 7.57
C ASP A 5 -11.08 -2.06 7.62
N MET A 6 -10.20 -1.71 8.57
CA MET A 6 -8.86 -2.31 8.74
C MET A 6 -8.91 -3.39 9.82
N TYR A 7 -8.25 -4.51 9.56
CA TYR A 7 -8.16 -5.69 10.43
C TYR A 7 -6.78 -6.32 10.31
N ILE A 8 -6.40 -7.11 11.30
CA ILE A 8 -5.08 -7.82 11.32
C ILE A 8 -5.34 -9.30 11.15
N GLU A 9 -4.35 -10.03 10.66
CA GLU A 9 -4.42 -11.47 10.34
C GLU A 9 -3.05 -12.11 10.56
N ARG A 10 -2.93 -13.06 11.50
CA ARG A 10 -1.63 -13.71 11.82
C ARG A 10 -1.05 -14.32 10.53
N ALA A 11 0.23 -14.07 10.25
CA ALA A 11 0.97 -14.57 9.07
C ALA A 11 2.03 -15.60 9.46
N GLY A 12 2.33 -15.74 10.76
CA GLY A 12 3.28 -16.76 11.26
C GLY A 12 3.98 -16.33 12.55
N ASP A 13 4.89 -17.18 13.02
CA ASP A 13 5.76 -16.94 14.20
C ASP A 13 6.94 -16.06 13.76
N ILE A 14 7.52 -15.32 14.73
CA ILE A 14 8.78 -14.54 14.56
C ILE A 14 9.94 -15.44 15.00
N THR A 15 10.76 -15.94 14.08
CA THR A 15 12.00 -16.69 14.43
C THR A 15 13.10 -16.41 13.41
N TRP A 16 14.35 -16.47 13.84
CA TRP A 16 15.55 -16.60 12.97
C TRP A 16 15.46 -17.98 12.32
N GLU A 17 15.69 -18.05 11.01
CA GLU A 17 15.73 -19.32 10.23
C GLU A 17 17.18 -19.61 9.83
N LYS A 18 17.64 -20.85 10.05
CA LYS A 18 19.00 -21.33 9.68
C LYS A 18 19.16 -21.31 8.16
N ASP A 19 18.17 -21.82 7.42
CA ASP A 19 18.26 -22.07 5.96
C ASP A 19 17.56 -20.95 5.17
N ALA A 20 17.46 -19.74 5.73
CA ALA A 20 16.90 -18.54 5.08
C ALA A 20 17.78 -18.18 3.89
N GLU A 21 17.17 -17.64 2.82
CA GLU A 21 17.88 -17.07 1.65
C GLU A 21 18.87 -16.00 2.16
N VAL A 22 20.00 -15.85 1.46
CA VAL A 22 21.13 -14.98 1.91
C VAL A 22 21.43 -13.98 0.80
N THR A 23 21.89 -12.79 1.18
CA THR A 23 22.28 -11.69 0.26
C THR A 23 23.65 -11.14 0.71
N GLY A 75 -10.15 -15.27 15.68
CA GLY A 75 -8.79 -15.12 15.07
C GLY A 75 -7.73 -14.83 16.12
N GLU A 76 -6.45 -14.95 15.75
CA GLU A 76 -5.31 -15.07 16.69
C GLU A 76 -5.03 -13.72 17.37
N THR A 77 -5.02 -13.73 18.71
CA THR A 77 -4.59 -12.62 19.62
C THR A 77 -3.16 -12.90 20.13
N THR A 78 -2.58 -14.03 19.71
CA THR A 78 -1.26 -14.56 20.11
C THR A 78 -0.16 -13.71 19.47
N ASP A 79 1.00 -13.65 20.13
CA ASP A 79 2.25 -13.02 19.62
C ASP A 79 2.61 -13.61 18.25
N GLY A 80 3.30 -12.82 17.42
CA GLY A 80 3.74 -13.23 16.07
C GLY A 80 3.64 -12.07 15.09
N VAL A 81 3.76 -12.36 13.79
CA VAL A 81 3.70 -11.33 12.70
C VAL A 81 2.34 -11.38 12.01
N TYR A 82 1.76 -10.22 11.75
CA TYR A 82 0.40 -10.02 11.19
C TYR A 82 0.44 -9.13 9.93
N ARG A 83 -0.38 -9.48 8.93
CA ARG A 83 -0.78 -8.58 7.81
C ARG A 83 -1.77 -7.55 8.37
N VAL A 84 -1.65 -6.29 7.97
CA VAL A 84 -2.68 -5.23 8.18
C VAL A 84 -3.44 -5.10 6.87
N MET A 85 -4.74 -5.38 6.92
CA MET A 85 -5.63 -5.51 5.74
C MET A 85 -6.70 -4.42 5.84
N THR A 86 -7.13 -3.91 4.69
CA THR A 86 -8.34 -3.06 4.56
C THR A 86 -9.37 -3.84 3.74
N ARG A 87 -10.64 -3.75 4.13
CA ARG A 87 -11.77 -4.44 3.47
C ARG A 87 -12.48 -3.44 2.54
N ARG A 88 -12.44 -3.72 1.25
CA ARG A 88 -13.11 -2.94 0.18
C ARG A 88 -14.32 -3.77 -0.28
N LEU A 89 -15.12 -3.20 -1.16
CA LEU A 89 -16.29 -3.92 -1.70
C LEU A 89 -15.85 -5.17 -2.45
N LEU A 90 -14.81 -5.06 -3.25
CA LEU A 90 -14.42 -6.18 -4.14
C LEU A 90 -13.38 -7.11 -3.52
N GLY A 91 -12.91 -6.82 -2.32
CA GLY A 91 -11.91 -7.71 -1.74
C GLY A 91 -11.09 -7.00 -0.70
N SER A 92 -10.05 -7.66 -0.23
CA SER A 92 -9.17 -7.11 0.80
C SER A 92 -7.83 -6.70 0.19
N THR A 93 -7.21 -5.64 0.70
CA THR A 93 -5.88 -5.16 0.29
C THR A 93 -4.96 -5.10 1.51
N GLN A 94 -3.73 -5.59 1.36
CA GLN A 94 -2.68 -5.55 2.42
C GLN A 94 -2.02 -4.19 2.37
N VAL A 95 -2.19 -3.40 3.41
CA VAL A 95 -1.63 -2.01 3.51
C VAL A 95 -0.34 -2.05 4.34
N GLY A 96 -0.09 -3.12 5.08
CA GLY A 96 1.12 -3.22 5.89
C GLY A 96 1.21 -4.52 6.66
N VAL A 97 2.17 -4.54 7.58
CA VAL A 97 2.54 -5.69 8.43
C VAL A 97 2.85 -5.11 9.81
N GLY A 98 2.66 -5.90 10.86
CA GLY A 98 3.05 -5.50 12.21
C GLY A 98 3.38 -6.70 13.07
N VAL A 99 3.67 -6.41 14.34
CA VAL A 99 4.18 -7.38 15.34
C VAL A 99 3.28 -7.32 16.57
N MET A 100 2.73 -8.47 16.94
CA MET A 100 2.04 -8.70 18.24
C MET A 100 3.06 -9.29 19.18
N GLN A 101 3.46 -8.52 20.20
CA GLN A 101 4.36 -8.95 21.30
C GLN A 101 3.74 -8.50 22.63
N GLU A 102 3.57 -9.43 23.58
CA GLU A 102 3.05 -9.16 24.95
C GLU A 102 1.67 -8.48 24.87
N GLY A 103 0.81 -8.94 23.95
CA GLY A 103 -0.56 -8.41 23.76
C GLY A 103 -0.61 -7.00 23.20
N VAL A 104 0.51 -6.47 22.67
CA VAL A 104 0.56 -5.12 22.04
C VAL A 104 0.87 -5.27 20.55
N PHE A 105 0.08 -4.62 19.70
CA PHE A 105 0.30 -4.64 18.23
C PHE A 105 1.07 -3.39 17.84
N HIS A 106 2.23 -3.61 17.24
CA HIS A 106 3.20 -2.60 16.76
C HIS A 106 3.18 -2.57 15.24
N THR A 107 3.08 -1.39 14.65
CA THR A 107 3.25 -1.21 13.20
C THR A 107 3.66 0.23 12.98
N MET A 108 3.55 0.70 11.73
CA MET A 108 4.06 2.03 11.35
C MET A 108 2.85 2.94 11.24
N TRP A 109 3.02 4.22 11.60
CA TRP A 109 1.90 5.18 11.73
C TRP A 109 1.23 5.32 10.37
N HIS A 110 2.02 5.35 9.30
CA HIS A 110 1.54 5.53 7.90
C HIS A 110 0.70 4.32 7.47
N VAL A 111 0.83 3.17 8.14
CA VAL A 111 0.08 1.95 7.73
C VAL A 111 -1.39 2.13 8.10
N THR A 112 -1.66 2.56 9.34
CA THR A 112 -3.04 2.64 9.87
C THR A 112 -3.56 4.07 10.03
N LYS A 113 -2.66 5.05 10.17
CA LYS A 113 -2.94 6.48 10.46
C LYS A 113 -3.59 6.65 11.85
N GLY A 114 -3.33 5.73 12.77
CA GLY A 114 -3.90 5.72 14.12
C GLY A 114 -5.30 5.12 14.17
N SER A 115 -5.80 4.65 13.04
CA SER A 115 -7.17 4.11 12.95
C SER A 115 -7.26 2.77 13.67
N ALA A 116 -8.42 2.50 14.24
CA ALA A 116 -8.69 1.29 15.01
C ALA A 116 -8.62 0.06 14.12
N LEU A 117 -8.16 -1.04 14.68
CA LEU A 117 -8.06 -2.32 13.94
C LEU A 117 -9.03 -3.35 14.51
N ARG A 118 -9.45 -4.25 13.64
CA ARG A 118 -10.23 -5.44 14.02
C ARG A 118 -9.20 -6.57 14.14
N SER A 119 -9.17 -7.24 15.29
CA SER A 119 -8.23 -8.35 15.54
C SER A 119 -9.02 -9.52 16.10
N GLY A 120 -8.96 -10.71 15.51
CA GLY A 120 -9.77 -11.77 16.12
C GLY A 120 -11.20 -11.29 16.14
N GLU A 121 -11.78 -11.19 17.33
CA GLU A 121 -13.15 -10.65 17.48
C GLU A 121 -13.13 -9.47 18.46
N GLY A 122 -12.12 -8.59 18.35
CA GLY A 122 -12.06 -7.39 19.19
C GLY A 122 -11.39 -6.20 18.52
N ARG A 123 -12.03 -5.03 18.59
CA ARG A 123 -11.46 -3.71 18.17
C ARG A 123 -10.24 -3.38 19.04
N LEU A 124 -9.12 -3.07 18.41
CA LEU A 124 -7.88 -2.57 19.08
C LEU A 124 -7.81 -1.07 18.86
N ASP A 125 -7.67 -0.30 19.95
CA ASP A 125 -7.58 1.18 19.90
C ASP A 125 -6.11 1.59 20.01
N PRO A 126 -5.70 2.66 19.31
CA PRO A 126 -4.31 3.10 19.36
C PRO A 126 -4.01 3.57 20.80
N TYR A 127 -2.87 3.17 21.33
CA TYR A 127 -2.44 3.50 22.70
C TYR A 127 -1.37 4.60 22.63
N TRP A 128 -0.40 4.40 21.76
CA TRP A 128 0.75 5.33 21.59
C TRP A 128 1.04 5.47 20.09
N GLY A 129 1.54 6.64 19.69
CA GLY A 129 1.95 6.89 18.30
C GLY A 129 2.80 8.13 18.17
N ASP A 130 3.67 8.14 17.17
CA ASP A 130 4.44 9.34 16.75
C ASP A 130 4.48 9.33 15.21
N VAL A 131 3.91 10.34 14.57
CA VAL A 131 3.91 10.53 13.08
C VAL A 131 5.35 10.71 12.59
N LYS A 132 6.21 11.41 13.35
CA LYS A 132 7.62 11.70 12.99
C LYS A 132 8.44 10.40 12.96
N GLN A 133 8.48 9.63 14.04
CA GLN A 133 9.21 8.32 14.10
C GLN A 133 8.46 7.29 13.23
N ASP A 134 7.20 7.60 12.88
CA ASP A 134 6.31 6.77 12.03
C ASP A 134 6.03 5.43 12.71
N LEU A 135 5.64 5.47 13.99
CA LEU A 135 5.33 4.24 14.77
C LEU A 135 3.96 4.37 15.46
N VAL A 136 3.31 3.25 15.72
CA VAL A 136 2.06 3.19 16.51
C VAL A 136 2.00 1.84 17.24
N SER A 137 1.67 1.86 18.53
CA SER A 137 1.36 0.65 19.33
C SER A 137 -0.13 0.64 19.61
N TYR A 138 -0.72 -0.54 19.69
CA TYR A 138 -2.17 -0.75 19.91
C TYR A 138 -2.37 -1.51 21.22
N SER A 139 -3.28 -0.98 22.03
CA SER A 139 -3.83 -1.55 23.29
C SER A 139 -2.74 -1.62 24.39
N GLY A 140 -1.61 -0.92 24.22
CA GLY A 140 -0.52 -0.82 25.22
C GLY A 140 0.67 0.00 24.69
N PRO A 141 1.63 0.36 25.57
CA PRO A 141 2.80 1.14 25.14
C PRO A 141 3.79 0.28 24.35
N TRP A 142 4.70 0.93 23.62
CA TRP A 142 5.70 0.31 22.73
C TRP A 142 6.56 -0.65 23.56
N LYS A 143 6.70 -1.90 23.09
CA LYS A 143 7.37 -3.03 23.80
C LYS A 143 8.69 -3.45 23.14
N LEU A 144 9.00 -2.99 21.93
CA LEU A 144 10.20 -3.47 21.17
C LEU A 144 11.38 -2.54 21.50
N ASP A 145 12.36 -3.04 22.25
CA ASP A 145 13.48 -2.21 22.80
C ASP A 145 14.83 -2.62 22.18
N ALA A 146 14.96 -3.85 21.64
CA ALA A 146 16.21 -4.37 21.07
C ALA A 146 16.71 -3.45 19.96
N CYS A 147 18.04 -3.37 19.81
CA CYS A 147 18.75 -2.50 18.83
C CYS A 147 19.72 -3.37 18.02
N TRP A 148 20.16 -2.86 16.88
CA TRP A 148 21.15 -3.51 15.97
C TRP A 148 22.56 -3.11 16.43
N ASP A 149 23.50 -4.05 16.38
CA ASP A 149 24.91 -3.81 16.80
C ASP A 149 25.66 -2.98 15.77
N GLY A 150 25.15 -2.88 14.55
CA GLY A 150 25.78 -2.09 13.50
C GLY A 150 26.75 -2.85 12.65
N HIS A 151 26.98 -4.13 12.93
CA HIS A 151 27.92 -4.89 12.08
C HIS A 151 27.34 -6.24 11.70
N SER A 152 26.49 -6.79 12.55
CA SER A 152 25.93 -8.15 12.34
C SER A 152 24.89 -8.18 11.23
N GLU A 153 24.82 -9.31 10.55
CA GLU A 153 23.70 -9.54 9.61
C GLU A 153 22.40 -9.57 10.41
N VAL A 154 21.29 -9.23 9.76
CA VAL A 154 19.91 -9.33 10.31
C VAL A 154 19.10 -10.26 9.40
N GLN A 155 17.90 -10.63 9.82
CA GLN A 155 16.90 -11.31 8.96
C GLN A 155 15.63 -10.46 8.83
N LEU A 156 15.19 -10.22 7.60
CA LEU A 156 13.90 -9.57 7.31
C LEU A 156 12.87 -10.68 7.19
N LEU A 157 11.89 -10.67 8.09
CA LEU A 157 10.76 -11.60 7.98
C LEU A 157 9.73 -10.86 7.11
N ALA A 158 9.99 -10.86 5.81
CA ALA A 158 9.13 -10.21 4.79
C ALA A 158 7.80 -10.96 4.73
N VAL A 159 6.69 -10.22 4.76
CA VAL A 159 5.31 -10.74 4.53
C VAL A 159 4.69 -9.97 3.36
N PRO A 160 5.06 -10.29 2.11
CA PRO A 160 4.50 -9.57 0.94
C PRO A 160 3.04 -9.89 0.71
N PRO A 161 2.23 -8.94 0.17
CA PRO A 161 0.84 -9.20 -0.19
C PRO A 161 0.66 -10.49 -1.01
N GLY A 162 -0.33 -11.31 -0.66
CA GLY A 162 -0.71 -12.56 -1.34
C GLY A 162 0.39 -13.63 -1.33
N GLU A 163 1.48 -13.45 -0.59
CA GLU A 163 2.60 -14.43 -0.53
C GLU A 163 2.85 -14.81 0.92
N ARG A 164 3.41 -16.00 1.13
CA ARG A 164 3.76 -16.55 2.48
C ARG A 164 4.88 -15.71 3.07
N ALA A 165 4.96 -15.71 4.40
CA ALA A 165 6.09 -15.04 5.05
C ALA A 165 7.37 -15.83 4.73
N ARG A 166 8.47 -15.13 4.53
CA ARG A 166 9.77 -15.78 4.25
C ARG A 166 10.87 -14.97 4.92
N ASN A 167 11.93 -15.62 5.36
CA ASN A 167 13.04 -14.88 6.00
C ASN A 167 14.14 -14.68 4.96
N ILE A 168 14.73 -13.50 4.91
CA ILE A 168 15.92 -13.28 4.05
C ILE A 168 17.00 -12.62 4.90
N GLN A 169 18.20 -13.20 4.90
CA GLN A 169 19.36 -12.70 5.66
C GLN A 169 20.05 -11.65 4.79
N THR A 170 20.49 -10.57 5.40
CA THR A 170 21.02 -9.39 4.68
C THR A 170 21.81 -8.57 5.68
N LEU A 171 22.72 -7.73 5.19
CA LEU A 171 23.47 -6.76 6.02
C LEU A 171 22.87 -5.38 5.76
N PRO A 172 22.28 -4.71 6.75
CA PRO A 172 21.78 -3.34 6.54
C PRO A 172 22.93 -2.43 6.10
N GLY A 173 22.65 -1.52 5.15
CA GLY A 173 23.50 -0.36 4.88
C GLY A 173 23.34 0.64 6.01
N ILE A 174 24.34 1.49 6.23
CA ILE A 174 24.21 2.64 7.17
C ILE A 174 23.69 3.82 6.36
N PHE A 175 22.59 4.42 6.85
CA PHE A 175 21.83 5.53 6.23
C PHE A 175 22.01 6.75 7.13
N LYS A 176 22.32 7.91 6.54
CA LYS A 176 22.43 9.19 7.27
C LYS A 176 21.04 9.82 7.36
N THR A 177 20.52 9.99 8.59
CA THR A 177 19.36 10.86 8.92
C THR A 177 19.90 12.16 9.54
N LYS A 178 19.02 13.12 9.82
CA LYS A 178 19.37 14.41 10.50
C LYS A 178 20.04 14.10 11.84
N ASP A 179 19.41 13.23 12.64
CA ASP A 179 19.78 12.91 14.05
C ASP A 179 21.00 11.98 14.10
N GLY A 180 21.26 11.21 13.04
CA GLY A 180 22.50 10.44 12.90
C GLY A 180 22.32 9.20 12.04
N ASP A 181 23.19 8.23 12.27
CA ASP A 181 23.30 6.99 11.47
C ASP A 181 22.31 5.97 12.02
N ILE A 182 21.72 5.25 11.10
CA ILE A 182 20.69 4.21 11.32
C ILE A 182 20.98 3.10 10.30
N GLY A 183 20.62 1.87 10.61
CA GLY A 183 20.66 0.76 9.64
C GLY A 183 19.43 0.79 8.77
N ALA A 184 19.55 0.39 7.51
CA ALA A 184 18.45 0.41 6.52
C ALA A 184 18.55 -0.84 5.63
N VAL A 185 17.50 -1.64 5.59
CA VAL A 185 17.43 -2.88 4.76
C VAL A 185 17.29 -2.46 3.29
N ALA A 186 18.32 -2.71 2.48
CA ALA A 186 18.37 -2.39 1.03
C ALA A 186 17.78 -3.56 0.22
N LEU A 187 16.47 -3.79 0.34
CA LEU A 187 15.75 -4.85 -0.42
C LEU A 187 14.40 -4.28 -0.86
N ASP A 188 13.96 -4.66 -2.05
CA ASP A 188 12.78 -4.10 -2.74
C ASP A 188 11.62 -5.08 -2.58
N TYR A 189 10.57 -4.70 -1.87
CA TYR A 189 9.34 -5.52 -1.75
C TYR A 189 8.13 -4.70 -2.20
N PRO A 190 7.05 -5.37 -2.66
CA PRO A 190 5.88 -4.67 -3.12
C PRO A 190 5.25 -3.85 -1.98
N ALA A 191 4.49 -2.82 -2.36
CA ALA A 191 3.63 -2.00 -1.48
C ALA A 191 2.77 -2.92 -0.59
N GLY A 192 2.81 -2.68 0.72
CA GLY A 192 2.05 -3.41 1.73
C GLY A 192 2.96 -4.28 2.58
N THR A 193 4.26 -4.31 2.27
CA THR A 193 5.27 -5.14 2.99
C THR A 193 5.86 -4.33 4.16
N SER A 194 5.69 -3.00 4.17
CA SER A 194 6.18 -2.10 5.24
C SER A 194 5.63 -2.55 6.60
N GLY A 195 6.47 -2.52 7.63
CA GLY A 195 6.11 -3.02 8.97
C GLY A 195 6.66 -4.40 9.21
N SER A 196 7.11 -5.09 8.17
CA SER A 196 7.70 -6.46 8.30
C SER A 196 8.83 -6.37 9.31
N PRO A 197 8.88 -7.26 10.33
CA PRO A 197 9.89 -7.17 11.36
C PRO A 197 11.28 -7.59 10.85
N ILE A 198 12.29 -6.87 11.33
CA ILE A 198 13.74 -7.15 11.18
C ILE A 198 14.26 -7.76 12.50
N LEU A 199 14.95 -8.90 12.39
CA LEU A 199 15.30 -9.86 13.47
C LEU A 199 16.82 -9.89 13.66
N ASP A 200 17.27 -9.91 14.93
CA ASP A 200 18.64 -10.32 15.36
C ASP A 200 18.69 -11.86 15.51
N LYS A 201 19.86 -12.45 15.75
CA LYS A 201 19.99 -13.92 15.78
C LYS A 201 19.16 -14.53 16.90
N SER A 202 18.74 -13.71 17.86
CA SER A 202 17.95 -14.19 19.02
C SER A 202 16.45 -14.14 18.71
N GLY A 203 16.07 -13.69 17.52
CA GLY A 203 14.66 -13.63 17.10
C GLY A 203 13.94 -12.42 17.64
N ARG A 204 14.65 -11.52 18.29
CA ARG A 204 14.08 -10.26 18.81
C ARG A 204 13.92 -9.27 17.66
N VAL A 205 12.83 -8.50 17.64
CA VAL A 205 12.55 -7.47 16.60
C VAL A 205 13.40 -6.24 16.89
N ILE A 206 14.28 -5.86 15.95
CA ILE A 206 15.23 -4.72 16.10
C ILE A 206 14.76 -3.54 15.25
N GLY A 207 13.69 -3.72 14.50
CA GLY A 207 13.00 -2.62 13.79
C GLY A 207 12.02 -3.16 12.77
N LEU A 208 11.29 -2.26 12.10
CA LEU A 208 10.26 -2.62 11.10
C LEU A 208 10.73 -2.12 9.73
N TYR A 209 10.53 -2.95 8.71
CA TYR A 209 10.90 -2.71 7.30
C TYR A 209 10.33 -1.36 6.82
N GLY A 210 11.21 -0.49 6.30
CA GLY A 210 10.88 0.86 5.86
C GLY A 210 11.12 1.92 6.93
N ASN A 211 11.42 1.51 8.16
CA ASN A 211 11.60 2.40 9.33
C ASN A 211 13.07 2.37 9.76
N GLY A 212 13.84 1.43 9.22
CA GLY A 212 15.26 1.24 9.54
C GLY A 212 15.43 0.58 10.89
N VAL A 213 16.68 0.53 11.35
CA VAL A 213 17.14 -0.21 12.56
C VAL A 213 18.04 0.72 13.37
N VAL A 214 17.65 1.06 14.60
CA VAL A 214 18.48 1.87 15.53
C VAL A 214 19.73 1.06 15.87
N ILE A 215 20.90 1.70 15.75
CA ILE A 215 22.21 1.17 16.20
C ILE A 215 22.31 1.43 17.71
N CYS A 216 22.73 0.42 18.47
CA CYS A 216 22.92 0.47 19.96
C CYS A 216 23.85 1.62 20.36
N VAL B 4 11.72 9.84 3.72
CA VAL B 4 10.24 9.60 3.58
C VAL B 4 9.64 10.70 2.68
N ASP B 5 9.05 10.31 1.55
CA ASP B 5 8.59 11.22 0.47
C ASP B 5 7.53 10.45 -0.33
N MET B 6 6.28 10.93 -0.37
CA MET B 6 5.23 10.36 -1.25
C MET B 6 5.08 11.31 -2.43
N TYR B 7 5.22 10.83 -3.67
CA TYR B 7 5.27 11.69 -4.87
C TYR B 7 4.59 10.99 -6.05
N ILE B 8 4.16 11.78 -7.02
CA ILE B 8 3.50 11.25 -8.25
C ILE B 8 4.42 11.50 -9.44
N GLU B 9 4.30 10.68 -10.48
CA GLU B 9 5.23 10.66 -11.63
C GLU B 9 4.45 10.25 -12.89
N ARG B 10 4.38 11.14 -13.89
CA ARG B 10 3.60 10.91 -15.13
C ARG B 10 4.08 9.61 -15.78
N ALA B 11 3.15 8.74 -16.19
CA ALA B 11 3.45 7.47 -16.89
C ALA B 11 2.91 7.51 -18.33
N GLY B 12 2.06 8.49 -18.68
CA GLY B 12 1.51 8.61 -20.05
C GLY B 12 0.19 9.35 -20.12
N ASP B 13 -0.36 9.46 -21.32
CA ASP B 13 -1.69 10.07 -21.60
C ASP B 13 -2.77 9.03 -21.31
N ILE B 14 -3.99 9.49 -21.00
CA ILE B 14 -5.25 8.70 -20.96
C ILE B 14 -5.89 8.81 -22.33
N THR B 15 -5.85 7.76 -23.15
CA THR B 15 -6.69 7.64 -24.37
C THR B 15 -7.11 6.19 -24.56
N TRP B 16 -8.25 5.99 -25.22
CA TRP B 16 -8.64 4.70 -25.82
C TRP B 16 -7.68 4.42 -26.98
N GLU B 17 -7.15 3.20 -27.07
CA GLU B 17 -6.29 2.77 -28.20
C GLU B 17 -7.05 1.75 -29.05
N LYS B 18 -7.08 1.95 -30.38
CA LYS B 18 -7.88 1.12 -31.31
C LYS B 18 -7.32 -0.31 -31.36
N ASP B 19 -5.99 -0.45 -31.52
CA ASP B 19 -5.34 -1.76 -31.79
C ASP B 19 -4.64 -2.29 -30.53
N ALA B 20 -5.15 -1.93 -29.35
CA ALA B 20 -4.59 -2.34 -28.03
C ALA B 20 -4.62 -3.86 -27.89
N GLU B 21 -3.68 -4.43 -27.15
CA GLU B 21 -3.64 -5.87 -26.75
C GLU B 21 -4.97 -6.23 -26.06
N VAL B 22 -5.43 -7.48 -26.23
CA VAL B 22 -6.77 -7.93 -25.79
C VAL B 22 -6.61 -9.15 -24.90
N THR B 23 -7.41 -9.23 -23.83
CA THR B 23 -7.55 -10.40 -22.93
C THR B 23 -9.03 -10.52 -22.53
N THR B 77 2.12 18.51 -13.28
CA THR B 77 0.70 18.48 -12.81
C THR B 77 -0.22 18.73 -14.03
N THR B 78 0.26 18.44 -15.24
CA THR B 78 -0.56 18.31 -16.47
C THR B 78 -1.41 17.03 -16.41
N ASP B 79 -2.57 17.03 -17.07
CA ASP B 79 -3.50 15.87 -17.14
C ASP B 79 -2.76 14.64 -17.68
N GLY B 80 -3.21 13.45 -17.27
CA GLY B 80 -2.61 12.15 -17.66
C GLY B 80 -2.66 11.16 -16.51
N VAL B 81 -1.98 10.02 -16.64
CA VAL B 81 -1.97 8.95 -15.61
C VAL B 81 -0.61 8.99 -14.90
N TYR B 82 -0.63 8.86 -13.57
CA TYR B 82 0.55 8.97 -12.69
C TYR B 82 0.70 7.73 -11.80
N ARG B 83 1.94 7.31 -11.59
CA ARG B 83 2.32 6.38 -10.50
C ARG B 83 2.34 7.18 -9.20
N VAL B 84 1.87 6.59 -8.10
CA VAL B 84 2.09 7.12 -6.73
C VAL B 84 3.26 6.33 -6.13
N MET B 85 4.34 7.03 -5.79
CA MET B 85 5.64 6.44 -5.39
C MET B 85 5.93 6.85 -3.95
N THR B 86 6.59 5.98 -3.20
CA THR B 86 7.01 6.29 -1.83
C THR B 86 8.50 6.01 -1.69
N ARG B 87 9.25 6.95 -1.14
CA ARG B 87 10.69 6.75 -0.87
C ARG B 87 10.84 6.63 0.65
N ARG B 88 11.36 5.51 1.12
CA ARG B 88 11.64 5.38 2.57
C ARG B 88 13.03 4.79 2.69
N LEU B 89 13.96 5.57 3.23
CA LEU B 89 15.39 5.19 3.38
C LEU B 89 15.98 4.79 2.02
N LEU B 90 16.48 3.58 1.92
CA LEU B 90 17.17 3.10 0.69
C LEU B 90 16.19 2.42 -0.26
N GLY B 91 14.90 2.40 0.07
CA GLY B 91 13.89 1.75 -0.77
C GLY B 91 13.04 2.73 -1.55
N SER B 92 12.50 2.25 -2.67
CA SER B 92 11.59 3.01 -3.55
C SER B 92 10.46 2.04 -3.91
N THR B 93 9.21 2.45 -3.78
CA THR B 93 8.03 1.56 -3.89
C THR B 93 6.96 2.28 -4.71
N GLN B 94 6.34 1.63 -5.70
CA GLN B 94 5.08 2.12 -6.29
C GLN B 94 3.94 1.62 -5.39
N VAL B 95 3.20 2.54 -4.77
CA VAL B 95 2.10 2.17 -3.83
C VAL B 95 0.77 2.22 -4.58
N GLY B 96 0.73 2.86 -5.74
CA GLY B 96 -0.53 2.95 -6.51
C GLY B 96 -0.39 3.78 -7.75
N VAL B 97 -1.54 4.11 -8.34
CA VAL B 97 -1.69 4.85 -9.62
C VAL B 97 -2.89 5.80 -9.46
N GLY B 98 -2.91 6.88 -10.23
CA GLY B 98 -4.07 7.78 -10.23
C GLY B 98 -4.17 8.55 -11.52
N VAL B 99 -5.16 9.44 -11.58
CA VAL B 99 -5.58 10.19 -12.79
C VAL B 99 -5.57 11.68 -12.46
N MET B 100 -4.82 12.45 -13.24
CA MET B 100 -4.86 13.94 -13.25
C MET B 100 -5.77 14.36 -14.40
N GLN B 101 -6.93 14.92 -14.06
CA GLN B 101 -7.96 15.44 -15.00
C GLN B 101 -8.41 16.81 -14.48
N GLU B 102 -8.32 17.85 -15.33
CA GLU B 102 -8.74 19.24 -15.00
C GLU B 102 -7.98 19.73 -13.76
N GLY B 103 -6.69 19.40 -13.65
CA GLY B 103 -5.80 19.78 -12.53
C GLY B 103 -6.21 19.16 -11.19
N VAL B 104 -7.02 18.08 -11.18
CA VAL B 104 -7.41 17.33 -9.95
C VAL B 104 -6.81 15.92 -10.04
N PHE B 105 -6.14 15.47 -8.97
CA PHE B 105 -5.54 14.12 -8.92
C PHE B 105 -6.48 13.21 -8.15
N HIS B 106 -6.91 12.14 -8.84
CA HIS B 106 -7.86 11.11 -8.36
C HIS B 106 -7.12 9.80 -8.15
N THR B 107 -7.35 9.17 -7.01
CA THR B 107 -6.80 7.84 -6.71
C THR B 107 -7.66 7.21 -5.62
N MET B 108 -7.20 6.11 -5.07
CA MET B 108 -7.94 5.33 -4.07
C MET B 108 -7.39 5.69 -2.69
N TRP B 109 -8.27 5.74 -1.68
CA TRP B 109 -7.94 6.26 -0.33
C TRP B 109 -6.79 5.43 0.23
N HIS B 110 -6.85 4.11 0.03
CA HIS B 110 -5.88 3.15 0.60
C HIS B 110 -4.49 3.38 -0.01
N VAL B 111 -4.39 4.02 -1.17
CA VAL B 111 -3.09 4.25 -1.85
C VAL B 111 -2.30 5.30 -1.06
N THR B 112 -2.90 6.45 -0.72
CA THR B 112 -2.23 7.63 -0.10
C THR B 112 -2.56 7.76 1.38
N LYS B 113 -3.73 7.26 1.81
CA LYS B 113 -4.35 7.46 3.16
C LYS B 113 -4.46 8.95 3.49
N GLY B 114 -4.69 9.78 2.46
CA GLY B 114 -4.92 11.22 2.61
C GLY B 114 -3.63 11.99 2.71
N SER B 115 -2.51 11.29 2.68
CA SER B 115 -1.20 11.93 2.81
C SER B 115 -1.00 12.90 1.65
N ALA B 116 -0.39 14.06 1.91
CA ALA B 116 -0.08 15.04 0.85
C ALA B 116 0.91 14.40 -0.14
N LEU B 117 0.86 14.80 -1.40
CA LEU B 117 1.74 14.29 -2.48
C LEU B 117 2.64 15.42 -2.98
N ARG B 118 3.91 15.10 -3.27
CA ARG B 118 4.80 15.98 -4.06
C ARG B 118 4.55 15.69 -5.56
N SER B 119 4.44 16.77 -6.32
CA SER B 119 4.46 16.68 -7.79
C SER B 119 5.56 17.63 -8.21
N GLY B 120 6.63 17.15 -8.83
CA GLY B 120 7.71 18.08 -9.19
C GLY B 120 8.24 18.79 -7.96
N GLU B 121 8.21 20.12 -7.99
CA GLU B 121 8.67 20.94 -6.85
C GLU B 121 7.49 21.27 -5.94
N GLY B 122 6.27 21.16 -6.46
CA GLY B 122 5.00 21.51 -5.77
C GLY B 122 4.46 20.44 -4.84
N ARG B 123 3.42 20.79 -4.09
CA ARG B 123 2.82 19.87 -3.08
C ARG B 123 1.28 19.93 -3.19
N LEU B 124 0.63 18.77 -3.28
CA LEU B 124 -0.83 18.64 -3.49
C LEU B 124 -1.45 18.18 -2.17
N ASP B 125 -2.45 18.91 -1.68
CA ASP B 125 -3.15 18.57 -0.41
C ASP B 125 -4.45 17.85 -0.76
N PRO B 126 -4.92 16.91 0.08
CA PRO B 126 -6.18 16.22 -0.19
C PRO B 126 -7.31 17.24 -0.13
N TYR B 127 -8.23 17.17 -1.08
CA TYR B 127 -9.42 18.06 -1.17
C TYR B 127 -10.64 17.32 -0.61
N TRP B 128 -10.86 16.09 -1.08
CA TRP B 128 -12.05 15.28 -0.78
C TRP B 128 -11.62 13.83 -0.62
N GLY B 129 -12.30 13.08 0.22
CA GLY B 129 -12.02 11.66 0.46
C GLY B 129 -13.18 10.95 1.12
N ASP B 130 -13.30 9.65 0.88
CA ASP B 130 -14.27 8.73 1.55
C ASP B 130 -13.56 7.39 1.71
N VAL B 131 -13.33 6.94 2.96
CA VAL B 131 -12.71 5.62 3.28
C VAL B 131 -13.64 4.49 2.80
N LYS B 132 -14.96 4.68 2.87
CA LYS B 132 -15.99 3.67 2.50
C LYS B 132 -15.91 3.39 1.01
N GLN B 133 -16.06 4.41 0.15
CA GLN B 133 -15.95 4.26 -1.32
C GLN B 133 -14.49 4.01 -1.71
N ASP B 134 -13.55 4.28 -0.79
CA ASP B 134 -12.08 4.13 -0.97
C ASP B 134 -11.60 5.04 -2.12
N LEU B 135 -11.97 6.33 -2.07
CA LEU B 135 -11.59 7.33 -3.09
C LEU B 135 -11.01 8.58 -2.43
N VAL B 136 -10.18 9.32 -3.14
CA VAL B 136 -9.58 10.59 -2.69
C VAL B 136 -9.25 11.43 -3.93
N SER B 137 -9.66 12.71 -3.93
CA SER B 137 -9.27 13.72 -4.93
C SER B 137 -8.32 14.70 -4.27
N TYR B 138 -7.40 15.28 -5.04
CA TYR B 138 -6.34 16.22 -4.60
C TYR B 138 -6.53 17.52 -5.37
N SER B 139 -6.47 18.66 -4.69
CA SER B 139 -6.49 20.03 -5.28
C SER B 139 -7.89 20.40 -5.81
N GLY B 140 -8.91 19.55 -5.64
CA GLY B 140 -10.25 19.80 -6.19
C GLY B 140 -11.22 18.65 -5.95
N PRO B 141 -12.54 18.86 -6.19
CA PRO B 141 -13.54 17.81 -5.98
C PRO B 141 -13.45 16.74 -7.08
N TRP B 142 -14.06 15.59 -6.82
CA TRP B 142 -14.10 14.45 -7.76
C TRP B 142 -14.68 14.89 -9.11
N LYS B 143 -13.96 14.65 -10.21
CA LYS B 143 -14.26 15.12 -11.59
C LYS B 143 -14.70 13.97 -12.52
N LEU B 144 -14.55 12.71 -12.12
CA LEU B 144 -14.85 11.55 -13.00
C LEU B 144 -16.32 11.14 -12.80
N ASP B 145 -17.16 11.37 -13.81
CA ASP B 145 -18.65 11.18 -13.73
C ASP B 145 -19.12 10.04 -14.64
N ALA B 146 -18.35 9.67 -15.68
CA ALA B 146 -18.73 8.62 -16.66
C ALA B 146 -19.02 7.30 -15.94
N CYS B 147 -19.95 6.51 -16.47
CA CYS B 147 -20.36 5.17 -15.97
C CYS B 147 -20.29 4.18 -17.13
N TRP B 148 -20.24 2.89 -16.82
CA TRP B 148 -20.13 1.78 -17.81
C TRP B 148 -21.55 1.34 -18.23
N ASP B 149 -21.75 1.06 -19.53
CA ASP B 149 -23.09 0.71 -20.09
C ASP B 149 -23.48 -0.73 -19.68
N GLY B 150 -22.52 -1.58 -19.29
CA GLY B 150 -22.79 -2.92 -18.73
C GLY B 150 -22.61 -4.04 -19.76
N HIS B 151 -22.16 -3.70 -20.97
CA HIS B 151 -22.03 -4.67 -22.08
C HIS B 151 -20.79 -4.34 -22.94
N SER B 152 -20.49 -3.05 -23.15
CA SER B 152 -19.30 -2.59 -23.94
C SER B 152 -18.01 -3.10 -23.33
N GLU B 153 -17.03 -3.39 -24.17
CA GLU B 153 -15.63 -3.60 -23.73
C GLU B 153 -15.09 -2.26 -23.20
N VAL B 154 -14.13 -2.35 -22.29
CA VAL B 154 -13.41 -1.20 -21.67
C VAL B 154 -11.92 -1.42 -21.91
N GLN B 155 -11.11 -0.42 -21.61
CA GLN B 155 -9.63 -0.55 -21.59
C GLN B 155 -9.09 -0.23 -20.19
N LEU B 156 -8.28 -1.14 -19.64
CA LEU B 156 -7.50 -0.88 -18.42
C LEU B 156 -6.17 -0.28 -18.85
N LEU B 157 -5.95 0.95 -18.46
CA LEU B 157 -4.64 1.59 -18.67
C LEU B 157 -3.82 1.19 -17.44
N ALA B 158 -3.33 -0.04 -17.44
CA ALA B 158 -2.49 -0.66 -16.41
C ALA B 158 -1.15 0.07 -16.37
N VAL B 159 -0.73 0.49 -15.18
CA VAL B 159 0.63 1.03 -14.88
C VAL B 159 1.23 0.18 -13.77
N PRO B 160 1.73 -1.03 -14.08
CA PRO B 160 2.33 -1.89 -13.06
C PRO B 160 3.66 -1.35 -12.55
N PRO B 161 4.02 -1.60 -11.28
CA PRO B 161 5.34 -1.20 -10.75
C PRO B 161 6.50 -1.61 -11.67
N GLY B 162 7.45 -0.70 -11.91
CA GLY B 162 8.66 -0.93 -12.72
C GLY B 162 8.38 -1.25 -14.20
N GLU B 163 7.14 -1.14 -14.68
CA GLU B 163 6.77 -1.46 -16.09
C GLU B 163 6.08 -0.26 -16.72
N ARG B 164 6.10 -0.17 -18.04
CA ARG B 164 5.51 0.95 -18.83
C ARG B 164 3.99 0.90 -18.74
N ALA B 165 3.31 2.02 -18.86
CA ALA B 165 1.83 2.04 -19.05
C ALA B 165 1.51 1.30 -20.36
N ARG B 166 0.39 0.58 -20.34
CA ARG B 166 -0.14 -0.16 -21.50
C ARG B 166 -1.67 -0.27 -21.38
N ASN B 167 -2.39 -0.12 -22.48
CA ASN B 167 -3.85 -0.33 -22.53
C ASN B 167 -4.12 -1.81 -22.80
N ILE B 168 -5.10 -2.38 -22.12
CA ILE B 168 -5.51 -3.80 -22.25
C ILE B 168 -7.03 -3.78 -22.39
N GLN B 169 -7.56 -4.23 -23.52
CA GLN B 169 -9.01 -4.25 -23.77
C GLN B 169 -9.56 -5.54 -23.14
N THR B 170 -10.71 -5.43 -22.48
CA THR B 170 -11.25 -6.51 -21.62
C THR B 170 -12.72 -6.22 -21.41
N LEU B 171 -13.47 -7.26 -21.03
CA LEU B 171 -14.90 -7.14 -20.69
C LEU B 171 -15.03 -7.31 -19.19
N PRO B 172 -15.49 -6.30 -18.43
CA PRO B 172 -15.70 -6.46 -17.00
C PRO B 172 -16.71 -7.57 -16.72
N GLY B 173 -16.49 -8.37 -15.68
CA GLY B 173 -17.55 -9.18 -15.05
C GLY B 173 -18.48 -8.26 -14.28
N ILE B 174 -19.75 -8.63 -14.11
CA ILE B 174 -20.64 -8.00 -13.09
C ILE B 174 -20.50 -8.83 -11.80
N PHE B 175 -20.26 -8.15 -10.68
CA PHE B 175 -20.10 -8.74 -9.32
C PHE B 175 -21.27 -8.30 -8.45
N LYS B 176 -21.83 -9.23 -7.65
CA LYS B 176 -22.91 -8.96 -6.68
C LYS B 176 -22.28 -8.48 -5.35
N THR B 177 -22.54 -7.23 -4.98
CA THR B 177 -21.99 -6.54 -3.77
C THR B 177 -23.13 -6.22 -2.80
N LYS B 178 -22.79 -5.65 -1.62
CA LYS B 178 -23.73 -5.13 -0.60
C LYS B 178 -24.73 -4.16 -1.24
N ASP B 179 -24.22 -3.16 -1.99
CA ASP B 179 -25.00 -2.02 -2.54
C ASP B 179 -25.75 -2.45 -3.81
N GLY B 180 -25.28 -3.47 -4.52
CA GLY B 180 -25.94 -4.02 -5.72
C GLY B 180 -24.95 -4.61 -6.70
N ASP B 181 -25.24 -4.55 -8.00
CA ASP B 181 -24.33 -5.00 -9.08
C ASP B 181 -23.36 -3.88 -9.41
N ILE B 182 -22.09 -4.25 -9.61
CA ILE B 182 -20.99 -3.34 -10.06
C ILE B 182 -20.15 -4.14 -11.04
N GLY B 183 -19.52 -3.46 -12.01
CA GLY B 183 -18.52 -4.07 -12.90
C GLY B 183 -17.20 -4.20 -12.17
N ALA B 184 -16.41 -5.24 -12.47
CA ALA B 184 -15.04 -5.40 -11.96
C ALA B 184 -14.15 -5.92 -13.08
N VAL B 185 -12.96 -5.32 -13.24
CA VAL B 185 -11.92 -5.84 -14.15
C VAL B 185 -11.30 -7.09 -13.52
N ALA B 186 -11.55 -8.28 -14.10
CA ALA B 186 -11.02 -9.59 -13.66
C ALA B 186 -9.66 -9.83 -14.32
N LEU B 187 -8.65 -9.09 -13.89
CA LEU B 187 -7.25 -9.22 -14.36
C LEU B 187 -6.34 -9.08 -13.15
N ASP B 188 -5.24 -9.83 -13.14
CA ASP B 188 -4.34 -9.93 -11.97
C ASP B 188 -3.11 -9.08 -12.25
N TYR B 189 -2.93 -7.99 -11.50
CA TYR B 189 -1.73 -7.15 -11.58
C TYR B 189 -1.08 -7.11 -10.20
N PRO B 190 0.25 -6.93 -10.14
CA PRO B 190 0.93 -6.97 -8.85
C PRO B 190 0.49 -5.78 -8.00
N ALA B 191 0.74 -5.89 -6.70
CA ALA B 191 0.46 -4.88 -5.67
C ALA B 191 1.11 -3.56 -6.08
N GLY B 192 0.32 -2.47 -6.10
CA GLY B 192 0.81 -1.12 -6.47
C GLY B 192 0.24 -0.65 -7.80
N THR B 193 -0.52 -1.51 -8.47
CA THR B 193 -1.19 -1.23 -9.76
C THR B 193 -2.57 -0.59 -9.54
N SER B 194 -3.13 -0.74 -8.33
CA SER B 194 -4.46 -0.21 -7.93
C SER B 194 -4.52 1.31 -8.18
N GLY B 195 -5.65 1.79 -8.66
CA GLY B 195 -5.84 3.19 -9.09
C GLY B 195 -5.69 3.36 -10.60
N SER B 196 -5.15 2.37 -11.30
CA SER B 196 -5.03 2.36 -12.78
C SER B 196 -6.40 2.67 -13.38
N PRO B 197 -6.53 3.67 -14.28
CA PRO B 197 -7.83 4.05 -14.79
C PRO B 197 -8.39 3.06 -15.81
N ILE B 198 -9.71 2.84 -15.72
CA ILE B 198 -10.55 2.06 -16.68
C ILE B 198 -11.30 3.05 -17.58
N LEU B 199 -11.20 2.84 -18.89
CA LEU B 199 -11.58 3.76 -19.99
C LEU B 199 -12.73 3.17 -20.80
N ASP B 200 -13.74 3.99 -21.15
CA ASP B 200 -14.78 3.68 -22.18
C ASP B 200 -14.23 4.10 -23.55
N LYS B 201 -14.94 3.74 -24.63
CA LYS B 201 -14.52 3.97 -26.05
C LYS B 201 -14.22 5.46 -26.29
N SER B 202 -14.81 6.35 -25.48
CA SER B 202 -14.66 7.83 -25.58
C SER B 202 -13.50 8.34 -24.72
N GLY B 203 -12.68 7.45 -24.13
CA GLY B 203 -11.45 7.81 -23.39
C GLY B 203 -11.73 8.43 -22.02
N ARG B 204 -12.99 8.44 -21.58
CA ARG B 204 -13.36 8.98 -20.25
C ARG B 204 -13.16 7.87 -19.23
N VAL B 205 -12.73 8.23 -18.03
CA VAL B 205 -12.44 7.28 -16.91
C VAL B 205 -13.76 6.86 -16.29
N ILE B 206 -14.06 5.57 -16.34
CA ILE B 206 -15.35 5.00 -15.82
C ILE B 206 -15.09 4.27 -14.49
N GLY B 207 -13.83 4.17 -14.07
CA GLY B 207 -13.49 3.70 -12.70
C GLY B 207 -12.00 3.50 -12.54
N LEU B 208 -11.57 3.17 -11.33
CA LEU B 208 -10.15 2.86 -11.02
C LEU B 208 -10.02 1.37 -10.70
N TYR B 209 -8.94 0.76 -11.19
CA TYR B 209 -8.58 -0.66 -10.96
C TYR B 209 -8.55 -0.99 -9.46
N GLY B 210 -9.33 -1.98 -9.04
CA GLY B 210 -9.49 -2.40 -7.63
C GLY B 210 -10.78 -1.87 -7.04
N ASN B 211 -11.31 -0.81 -7.64
CA ASN B 211 -12.46 -0.09 -7.06
C ASN B 211 -13.75 -0.40 -7.81
N GLY B 212 -13.63 -1.06 -8.94
CA GLY B 212 -14.81 -1.45 -9.73
C GLY B 212 -15.30 -0.36 -10.65
N VAL B 213 -16.31 -0.71 -11.45
CA VAL B 213 -16.94 0.18 -12.45
C VAL B 213 -18.44 0.24 -12.20
N VAL B 214 -18.98 1.45 -12.03
CA VAL B 214 -20.44 1.60 -11.79
C VAL B 214 -21.19 1.49 -13.12
N ILE B 215 -22.27 0.72 -13.13
CA ILE B 215 -23.20 0.56 -14.28
C ILE B 215 -24.21 1.71 -14.24
N CYS B 216 -24.57 2.26 -15.39
CA CYS B 216 -25.50 3.40 -15.50
C CYS B 216 -26.92 3.08 -15.06
N ASN B 217 -27.65 4.13 -14.67
CA ASN B 217 -29.04 4.12 -14.13
C ASN B 217 -29.35 2.82 -13.39
#